data_2QRU
#
_entry.id   2QRU
#
_cell.length_a   99.352
_cell.length_b   50.413
_cell.length_c   64.683
_cell.angle_alpha   90.000
_cell.angle_beta   110.270
_cell.angle_gamma   90.000
#
_symmetry.space_group_name_H-M   'C 1 2 1'
#
loop_
_entity.id
_entity.type
_entity.pdbx_description
1 polymer 'Uncharacterized protein'
2 non-polymer 'PHOSPHATE ION'
3 non-polymer 1,2-ETHANEDIOL
4 water water
#
_entity_poly.entity_id   1
_entity_poly.type   'polypeptide(L)'
_entity_poly.pdbx_seq_one_letter_code
;SNAHLKNNQTLANGATVTIYPTTTEPTNYVVYLHGGG(MSE)IYGTKSDLPEELKELFTSNGYTVLALDYLLAPNTKIDH
ILRTLTETFQLLNEEIIQNQSFGLCGRSAGGYL(MSE)LQLTKQLQTLNLTPQFLVNFYGYTDLEFIKEPRKLLKQAISA
KEIAAIDQTKPVWDDPFLSRYLLYHYSIQQALLPHFYGLPENGDWSAYALSDETLKTFPPCFSTASSSDEEVPFRYSKKI
GRTIPESTFKAVYYLEHDFLKQTKDPSVITLFEQLDSWLKER
;
_entity_poly.pdbx_strand_id   A
#
# COMPACT_ATOMS: atom_id res chain seq x y z
N ALA A 3 20.20 -1.30 -19.23
CA ALA A 3 21.12 -0.97 -18.09
C ALA A 3 20.43 -1.08 -16.73
N HIS A 4 21.12 -1.66 -15.74
CA HIS A 4 20.54 -1.87 -14.41
C HIS A 4 20.77 -0.65 -13.54
N LEU A 5 20.05 0.42 -13.87
CA LEU A 5 20.04 1.62 -13.05
C LEU A 5 18.60 1.96 -12.70
N LYS A 6 18.42 2.49 -11.50
CA LYS A 6 17.12 3.01 -11.04
C LYS A 6 16.65 3.99 -12.11
N ASN A 7 15.40 3.87 -12.52
CA ASN A 7 14.87 4.71 -13.58
C ASN A 7 13.35 4.75 -13.54
N ASN A 8 12.78 5.84 -14.05
CA ASN A 8 11.34 6.02 -14.09
C ASN A 8 10.85 5.78 -15.51
N GLN A 9 9.67 5.18 -15.61
CA GLN A 9 9.02 4.93 -16.88
C GLN A 9 7.56 5.40 -16.75
N THR A 10 7.02 5.97 -17.82
CA THR A 10 5.59 6.33 -17.82
C THR A 10 4.83 5.35 -18.71
N LEU A 11 3.72 4.87 -18.17
CA LEU A 11 2.87 3.92 -18.86
C LEU A 11 1.81 4.68 -19.64
N ALA A 12 1.16 3.98 -20.57
CA ALA A 12 0.19 4.57 -21.50
C ALA A 12 -0.90 5.45 -20.88
N ASN A 13 -1.35 5.10 -19.66
CA ASN A 13 -2.44 5.83 -19.02
C ASN A 13 -1.96 7.02 -18.18
N GLY A 14 -0.65 7.29 -18.19
CA GLY A 14 -0.10 8.42 -17.44
C GLY A 14 0.54 8.07 -16.10
N ALA A 15 0.28 6.86 -15.59
CA ALA A 15 0.95 6.37 -14.40
C ALA A 15 2.44 6.21 -14.65
N THR A 16 3.25 6.56 -13.66
CA THR A 16 4.67 6.30 -13.75
C THR A 16 5.05 5.26 -12.71
N VAL A 17 6.17 4.59 -12.98
CA VAL A 17 6.73 3.57 -12.10
C VAL A 17 8.22 3.89 -11.93
N THR A 18 8.73 3.77 -10.71
CA THR A 18 10.17 3.85 -10.45
C THR A 18 10.67 2.41 -10.35
N ILE A 19 11.62 2.09 -11.23
CA ILE A 19 12.17 0.71 -11.34
C ILE A 19 13.53 0.64 -10.64
N TYR A 20 13.69 -0.34 -9.75
CA TYR A 20 14.97 -0.59 -9.11
C TYR A 20 15.42 -2.01 -9.51
N PRO A 21 16.24 -2.13 -10.56
CA PRO A 21 16.65 -3.46 -11.05
C PRO A 21 17.55 -4.25 -10.08
N THR A 22 17.48 -5.57 -10.18
CA THR A 22 18.46 -6.44 -9.52
C THR A 22 19.74 -6.47 -10.36
N THR A 23 20.77 -7.15 -9.86
CA THR A 23 22.08 -7.21 -10.54
C THR A 23 22.09 -8.21 -11.70
N THR A 24 21.11 -9.11 -11.70
CA THR A 24 21.09 -10.25 -12.62
C THR A 24 19.82 -10.33 -13.47
N GLU A 25 19.94 -11.05 -14.58
CA GLU A 25 18.79 -11.48 -15.40
C GLU A 25 18.89 -13.01 -15.63
N PRO A 26 17.74 -13.72 -15.69
CA PRO A 26 16.35 -13.25 -15.51
C PRO A 26 16.06 -12.72 -14.10
N THR A 27 14.99 -11.96 -13.97
CA THR A 27 14.63 -11.40 -12.69
C THR A 27 13.17 -11.72 -12.36
N ASN A 28 12.83 -11.63 -11.09
CA ASN A 28 11.45 -11.68 -10.62
C ASN A 28 11.10 -10.24 -10.21
N TYR A 29 9.83 -9.95 -9.90
CA TYR A 29 9.44 -8.58 -9.62
C TYR A 29 8.61 -8.47 -8.35
N VAL A 30 8.68 -7.31 -7.72
CA VAL A 30 7.71 -6.93 -6.68
C VAL A 30 7.18 -5.58 -6.99
N VAL A 31 5.84 -5.46 -6.99
CA VAL A 31 5.22 -4.16 -7.24
C VAL A 31 4.92 -3.54 -5.87
N TYR A 32 5.45 -2.34 -5.64
CA TYR A 32 5.30 -1.67 -4.36
C TYR A 32 4.25 -0.55 -4.45
N LEU A 33 3.28 -0.57 -3.53
CA LEU A 33 2.21 0.45 -3.43
C LEU A 33 2.37 1.28 -2.16
N HIS A 34 2.58 2.59 -2.34
CA HIS A 34 2.98 3.48 -1.25
C HIS A 34 1.84 3.82 -0.25
N GLY A 35 2.18 4.51 0.83
CA GLY A 35 1.21 4.92 1.85
C GLY A 35 0.61 6.30 1.58
N GLY A 36 -0.20 6.79 2.53
CA GLY A 36 -0.74 8.14 2.46
C GLY A 36 -2.27 8.21 2.43
N GLY A 37 -2.94 7.15 2.90
CA GLY A 37 -4.40 7.21 3.04
C GLY A 37 -5.23 7.35 1.77
N ILE A 39 -4.96 9.68 -0.15
CA ILE A 39 -5.11 11.13 -0.32
C ILE A 39 -3.77 11.85 -0.58
N TYR A 40 -2.68 11.37 0.04
CA TYR A 40 -1.37 11.98 -0.20
C TYR A 40 -0.29 10.93 -0.47
N GLY A 41 0.92 11.40 -0.73
CA GLY A 41 2.09 10.50 -0.73
C GLY A 41 2.59 10.14 -2.11
N THR A 42 3.58 9.25 -2.14
CA THR A 42 4.40 9.07 -3.30
C THR A 42 5.08 7.71 -3.29
N LYS A 43 5.19 7.10 -4.47
CA LYS A 43 6.02 5.90 -4.71
C LYS A 43 7.44 6.11 -4.18
N SER A 44 7.88 7.37 -4.12
CA SER A 44 9.17 7.73 -3.54
C SER A 44 9.31 7.53 -2.01
N ASP A 45 8.24 7.15 -1.30
CA ASP A 45 8.34 6.92 0.15
C ASP A 45 9.02 5.59 0.47
N LEU A 46 9.33 4.81 -0.56
CA LEU A 46 9.86 3.45 -0.36
C LEU A 46 11.20 3.55 0.37
N PRO A 47 11.28 3.01 1.60
CA PRO A 47 12.57 3.06 2.30
C PRO A 47 13.69 2.27 1.60
N GLU A 48 14.89 2.85 1.63
CA GLU A 48 16.08 2.23 1.05
C GLU A 48 16.20 0.78 1.54
N GLU A 49 15.96 0.57 2.84
CA GLU A 49 16.18 -0.73 3.46
C GLU A 49 15.19 -1.77 2.94
N LEU A 50 13.95 -1.33 2.70
CA LEU A 50 12.93 -2.25 2.20
C LEU A 50 13.21 -2.55 0.73
N LYS A 51 13.56 -1.52 -0.04
CA LYS A 51 13.96 -1.72 -1.43
C LYS A 51 15.10 -2.77 -1.50
N GLU A 52 16.08 -2.65 -0.62
N GLU A 52 16.16 -2.53 -0.73
CA GLU A 52 17.20 -3.59 -0.62
CA GLU A 52 17.38 -3.34 -0.80
C GLU A 52 16.80 -5.01 -0.23
C GLU A 52 17.06 -4.77 -0.44
N LEU A 53 15.87 -5.14 0.71
N LEU A 53 16.11 -4.92 0.48
CA LEU A 53 15.39 -6.46 1.08
CA LEU A 53 15.68 -6.24 0.92
C LEU A 53 14.84 -7.18 -0.17
C LEU A 53 15.11 -7.03 -0.28
N PHE A 54 14.21 -6.43 -1.06
CA PHE A 54 13.68 -7.07 -2.26
C PHE A 54 14.77 -7.30 -3.32
N THR A 55 15.56 -6.28 -3.64
CA THR A 55 16.52 -6.45 -4.74
C THR A 55 17.61 -7.45 -4.37
N SER A 56 18.07 -7.45 -3.11
CA SER A 56 19.10 -8.40 -2.67
C SER A 56 18.62 -9.87 -2.73
N ASN A 57 17.29 -10.05 -2.74
CA ASN A 57 16.65 -11.36 -2.84
C ASN A 57 16.17 -11.68 -4.25
N GLY A 58 16.60 -10.87 -5.21
CA GLY A 58 16.35 -11.18 -6.63
C GLY A 58 15.05 -10.64 -7.19
N TYR A 59 14.45 -9.66 -6.51
CA TYR A 59 13.23 -9.01 -7.00
C TYR A 59 13.52 -7.58 -7.45
N THR A 60 13.32 -7.31 -8.72
CA THR A 60 13.28 -5.96 -9.24
C THR A 60 12.04 -5.27 -8.67
N VAL A 61 12.23 -4.09 -8.06
CA VAL A 61 11.12 -3.39 -7.43
C VAL A 61 10.50 -2.41 -8.42
N LEU A 62 9.18 -2.47 -8.51
CA LEU A 62 8.41 -1.55 -9.37
C LEU A 62 7.52 -0.73 -8.44
N ALA A 63 7.95 0.50 -8.13
CA ALA A 63 7.22 1.35 -7.20
C ALA A 63 6.24 2.18 -8.02
N LEU A 64 4.94 1.99 -7.78
CA LEU A 64 3.93 2.40 -8.77
C LEU A 64 3.04 3.56 -8.33
N ASP A 65 2.72 4.47 -9.25
CA ASP A 65 1.76 5.53 -8.96
C ASP A 65 0.34 4.97 -8.87
N TYR A 66 -0.49 5.60 -8.04
CA TYR A 66 -1.92 5.43 -8.14
C TYR A 66 -2.65 6.76 -7.91
N LEU A 67 -3.88 6.86 -8.43
CA LEU A 67 -4.64 8.10 -8.30
C LEU A 67 -5.02 8.38 -6.84
N LEU A 68 -5.18 9.67 -6.51
CA LEU A 68 -5.44 10.09 -5.15
C LEU A 68 -6.78 10.79 -5.03
N ALA A 69 -7.43 10.52 -3.90
CA ALA A 69 -8.68 11.16 -3.50
C ALA A 69 -8.38 12.51 -2.84
N PRO A 70 -9.37 13.44 -2.78
CA PRO A 70 -10.74 13.34 -3.31
C PRO A 70 -10.84 13.52 -4.83
N ASN A 71 -9.72 13.91 -5.46
CA ASN A 71 -9.65 14.21 -6.90
C ASN A 71 -10.19 13.05 -7.73
N THR A 72 -9.86 11.83 -7.30
CA THR A 72 -10.37 10.60 -7.89
C THR A 72 -10.94 9.74 -6.74
N LYS A 73 -12.14 9.20 -6.92
CA LYS A 73 -12.84 8.42 -5.86
C LYS A 73 -12.32 6.99 -5.79
N ILE A 74 -12.51 6.31 -4.67
CA ILE A 74 -11.82 5.02 -4.46
C ILE A 74 -12.18 3.99 -5.53
N ASP A 75 -13.47 3.92 -5.88
CA ASP A 75 -13.91 2.97 -6.91
C ASP A 75 -13.05 3.18 -8.16
N HIS A 76 -12.83 4.44 -8.55
CA HIS A 76 -12.07 4.77 -9.75
C HIS A 76 -10.56 4.51 -9.55
N ILE A 77 -10.04 4.83 -8.36
CA ILE A 77 -8.64 4.56 -8.03
C ILE A 77 -8.36 3.06 -8.24
N LEU A 78 -9.27 2.21 -7.74
CA LEU A 78 -9.11 0.75 -7.82
C LEU A 78 -9.16 0.27 -9.27
N ARG A 79 -10.14 0.76 -10.07
CA ARG A 79 -10.25 0.37 -11.47
C ARG A 79 -8.95 0.76 -12.23
N THR A 80 -8.51 2.00 -12.01
CA THR A 80 -7.28 2.50 -12.66
C THR A 80 -6.04 1.70 -12.23
N LEU A 81 -6.02 1.25 -10.97
CA LEU A 81 -4.88 0.46 -10.49
C LEU A 81 -4.80 -0.88 -11.27
N THR A 82 -5.96 -1.49 -11.52
CA THR A 82 -5.99 -2.73 -12.30
C THR A 82 -5.48 -2.45 -13.72
N GLU A 83 -6.00 -1.39 -14.32
CA GLU A 83 -5.52 -0.94 -15.66
C GLU A 83 -4.01 -0.78 -15.66
N THR A 84 -3.51 -0.06 -14.65
CA THR A 84 -2.10 0.26 -14.53
C THR A 84 -1.26 -1.00 -14.39
N PHE A 85 -1.76 -1.95 -13.58
CA PHE A 85 -1.03 -3.20 -13.43
C PHE A 85 -0.95 -3.94 -14.76
N GLN A 86 -2.08 -4.00 -15.47
CA GLN A 86 -2.11 -4.68 -16.75
C GLN A 86 -1.08 -4.09 -17.75
N LEU A 87 -0.98 -2.76 -17.80
CA LEU A 87 0.04 -2.08 -18.65
C LEU A 87 1.45 -2.40 -18.15
N LEU A 88 1.63 -2.38 -16.84
CA LEU A 88 2.93 -2.69 -16.22
C LEU A 88 3.38 -4.12 -16.54
N ASN A 89 2.41 -5.02 -16.55
CA ASN A 89 2.66 -6.39 -16.94
C ASN A 89 2.98 -6.49 -18.43
N GLU A 90 2.27 -5.71 -19.25
CA GLU A 90 2.53 -5.69 -20.70
C GLU A 90 3.97 -5.33 -21.02
N GLU A 91 4.44 -4.30 -20.34
CA GLU A 91 5.66 -3.61 -20.70
C GLU A 91 6.89 -4.17 -20.00
N ILE A 92 6.73 -4.48 -18.72
CA ILE A 92 7.87 -4.81 -17.85
C ILE A 92 7.83 -6.24 -17.29
N ILE A 93 6.79 -6.59 -16.52
CA ILE A 93 6.76 -7.91 -15.88
C ILE A 93 6.69 -9.02 -16.92
N GLN A 94 5.94 -8.77 -18.00
CA GLN A 94 5.80 -9.69 -19.13
C GLN A 94 5.48 -11.13 -18.71
N ASN A 95 4.52 -11.26 -17.79
CA ASN A 95 4.03 -12.54 -17.29
C ASN A 95 5.03 -13.34 -16.47
N GLN A 96 6.13 -12.73 -16.06
CA GLN A 96 7.08 -13.34 -15.12
C GLN A 96 6.48 -13.32 -13.70
N SER A 97 7.05 -14.13 -12.79
N SER A 97 7.07 -14.10 -12.79
CA SER A 97 6.57 -14.15 -11.42
CA SER A 97 6.58 -14.20 -11.41
C SER A 97 6.71 -12.78 -10.79
C SER A 97 6.78 -12.89 -10.64
N PHE A 98 5.73 -12.45 -9.94
CA PHE A 98 5.81 -11.19 -9.21
C PHE A 98 5.10 -11.32 -7.88
N GLY A 99 5.56 -10.54 -6.91
CA GLY A 99 4.85 -10.37 -5.65
C GLY A 99 4.34 -8.95 -5.53
N LEU A 100 3.54 -8.69 -4.51
CA LEU A 100 3.09 -7.30 -4.27
C LEU A 100 3.53 -6.92 -2.86
N CYS A 101 3.73 -5.62 -2.64
CA CYS A 101 4.02 -5.13 -1.28
C CYS A 101 3.29 -3.81 -1.11
N GLY A 102 2.63 -3.64 0.03
CA GLY A 102 1.79 -2.43 0.23
C GLY A 102 2.02 -1.84 1.62
N ARG A 103 2.06 -0.52 1.67
CA ARG A 103 2.29 0.21 2.91
C ARG A 103 0.98 0.95 3.27
N SER A 104 0.37 0.58 4.39
CA SER A 104 -0.86 1.21 4.90
C SER A 104 -1.98 1.19 3.84
N ALA A 105 -2.37 2.35 3.33
CA ALA A 105 -3.40 2.32 2.27
C ALA A 105 -2.93 1.46 1.08
N GLY A 106 -1.61 1.47 0.82
CA GLY A 106 -1.04 0.58 -0.20
C GLY A 106 -1.34 -0.91 0.05
N GLY A 107 -1.44 -1.32 1.33
CA GLY A 107 -1.82 -2.71 1.65
C GLY A 107 -3.26 -3.01 1.24
N TYR A 108 -4.17 -2.05 1.53
CA TYR A 108 -5.56 -2.19 1.10
C TYR A 108 -5.61 -2.29 -0.44
N LEU A 109 -4.91 -1.39 -1.11
CA LEU A 109 -4.87 -1.36 -2.57
C LEU A 109 -4.33 -2.69 -3.09
N LEU A 111 -4.40 -5.66 -1.72
CA LEU A 111 -5.35 -6.75 -1.50
C LEU A 111 -6.54 -6.66 -2.47
N GLN A 112 -7.03 -5.44 -2.70
CA GLN A 112 -8.09 -5.23 -3.68
C GLN A 112 -7.58 -5.60 -5.07
N LEU A 113 -6.38 -5.18 -5.41
CA LEU A 113 -5.80 -5.49 -6.75
C LEU A 113 -5.71 -7.01 -6.91
N THR A 114 -5.25 -7.68 -5.85
CA THR A 114 -5.10 -9.14 -5.90
C THR A 114 -6.40 -9.83 -6.32
N LYS A 115 -7.51 -9.44 -5.68
CA LYS A 115 -8.81 -10.00 -6.04
C LYS A 115 -9.10 -9.81 -7.54
N GLN A 116 -8.86 -8.60 -8.03
CA GLN A 116 -9.09 -8.31 -9.45
C GLN A 116 -8.18 -9.07 -10.40
N LEU A 117 -6.91 -9.18 -10.02
CA LEU A 117 -5.91 -9.95 -10.78
C LEU A 117 -6.22 -11.45 -10.91
N GLN A 118 -6.78 -12.04 -9.86
CA GLN A 118 -7.27 -13.43 -9.96
C GLN A 118 -8.21 -13.62 -11.14
N THR A 119 -9.03 -12.61 -11.44
CA THR A 119 -10.01 -12.72 -12.51
C THR A 119 -9.37 -12.63 -13.91
N LEU A 120 -8.18 -12.05 -13.95
CA LEU A 120 -7.43 -11.85 -15.18
C LEU A 120 -6.32 -12.89 -15.34
N ASN A 121 -6.37 -13.95 -14.53
CA ASN A 121 -5.31 -14.99 -14.51
C ASN A 121 -3.90 -14.48 -14.23
N LEU A 122 -3.77 -13.57 -13.26
CA LEU A 122 -2.50 -12.92 -12.95
C LEU A 122 -2.18 -12.93 -11.44
N THR A 123 -2.28 -14.09 -10.84
CA THR A 123 -2.13 -14.22 -9.39
C THR A 123 -0.69 -13.89 -8.93
N PRO A 124 -0.55 -13.00 -7.93
CA PRO A 124 0.79 -12.75 -7.36
C PRO A 124 1.34 -14.04 -6.75
N GLN A 125 2.67 -14.15 -6.70
CA GLN A 125 3.32 -15.29 -6.06
C GLN A 125 3.20 -15.16 -4.54
N PHE A 126 3.25 -13.91 -4.05
CA PHE A 126 3.19 -13.63 -2.62
C PHE A 126 2.84 -12.18 -2.39
N LEU A 127 2.52 -11.87 -1.14
CA LEU A 127 2.06 -10.54 -0.75
C LEU A 127 2.81 -10.08 0.50
N VAL A 128 3.11 -8.80 0.65
CA VAL A 128 3.74 -8.32 1.88
C VAL A 128 2.91 -7.11 2.32
N ASN A 129 2.28 -7.25 3.48
CA ASN A 129 1.39 -6.23 4.03
C ASN A 129 2.07 -5.52 5.22
N PHE A 130 2.33 -4.23 5.07
CA PHE A 130 2.73 -3.35 6.18
C PHE A 130 1.49 -2.59 6.61
N TYR A 131 0.85 -3.08 7.69
CA TYR A 131 -0.25 -2.38 8.40
C TYR A 131 -1.35 -1.81 7.47
N GLY A 132 -1.73 -2.65 6.50
CA GLY A 132 -2.89 -2.33 5.64
C GLY A 132 -4.20 -2.80 6.29
N TYR A 133 -5.21 -2.96 5.43
CA TYR A 133 -6.57 -3.27 5.89
C TYR A 133 -7.37 -3.88 4.75
N THR A 134 -8.50 -4.53 5.10
CA THR A 134 -9.23 -5.35 4.15
C THR A 134 -10.61 -4.71 3.85
N ASP A 135 -10.95 -3.67 4.61
CA ASP A 135 -12.20 -2.94 4.42
C ASP A 135 -11.99 -1.54 5.01
N LEU A 136 -12.99 -0.68 4.84
CA LEU A 136 -12.87 0.72 5.24
C LEU A 136 -13.71 1.02 6.52
N GLU A 137 -14.20 -0.03 7.20
CA GLU A 137 -15.14 0.21 8.32
C GLU A 137 -14.51 1.04 9.43
N PHE A 138 -13.20 0.84 9.63
CA PHE A 138 -12.52 1.48 10.76
C PHE A 138 -12.53 3.02 10.65
N ILE A 139 -12.72 3.58 9.45
CA ILE A 139 -12.71 5.04 9.32
C ILE A 139 -14.00 5.69 9.84
N LYS A 140 -14.97 4.85 10.20
CA LYS A 140 -16.23 5.33 10.80
C LYS A 140 -16.01 5.66 12.27
N GLU A 141 -14.98 5.04 12.87
N GLU A 141 -14.96 5.09 12.85
CA GLU A 141 -14.57 5.23 14.27
CA GLU A 141 -14.63 5.34 14.23
C GLU A 141 -13.79 6.56 14.39
C GLU A 141 -13.77 6.59 14.41
N PRO A 142 -14.05 7.36 15.47
CA PRO A 142 -13.23 8.54 15.76
C PRO A 142 -11.76 8.18 16.02
N ARG A 143 -10.86 8.95 15.41
CA ARG A 143 -9.42 8.81 15.62
C ARG A 143 -8.83 10.20 15.85
N LYS A 144 -7.95 10.30 16.84
CA LYS A 144 -7.19 11.53 17.03
C LYS A 144 -5.75 11.16 16.70
N LEU A 145 -5.28 11.72 15.59
CA LEU A 145 -3.95 11.41 15.05
C LEU A 145 -3.07 12.66 15.11
N LEU A 146 -3.65 13.80 14.78
CA LEU A 146 -3.04 15.11 15.00
C LEU A 146 -3.85 15.86 16.03
N LYS A 147 -3.22 16.22 17.15
CA LYS A 147 -3.89 16.96 18.22
C LYS A 147 -4.31 18.39 17.83
N GLN A 148 -3.43 19.09 17.09
N GLN A 148 -3.44 19.09 17.10
CA GLN A 148 -3.73 20.46 16.67
CA GLN A 148 -3.73 20.46 16.68
C GLN A 148 -4.74 20.50 15.53
C GLN A 148 -4.72 20.51 15.52
N ALA A 149 -5.76 21.33 15.68
CA ALA A 149 -6.79 21.52 14.66
C ALA A 149 -6.23 22.20 13.41
N ILE A 150 -6.38 21.54 12.27
CA ILE A 150 -5.99 22.09 10.97
C ILE A 150 -7.09 23.03 10.48
N SER A 151 -6.71 24.26 10.13
CA SER A 151 -7.69 25.23 9.60
C SER A 151 -7.94 25.03 8.10
N ALA A 152 -9.06 25.58 7.63
CA ALA A 152 -9.39 25.59 6.20
C ALA A 152 -8.31 26.30 5.38
N LYS A 153 -7.78 27.39 5.95
CA LYS A 153 -6.74 28.20 5.32
C LYS A 153 -5.52 27.37 4.91
N GLU A 154 -5.06 26.50 5.83
CA GLU A 154 -3.84 25.74 5.62
C GLU A 154 -3.92 24.71 4.48
N ILE A 155 -5.14 24.38 4.06
CA ILE A 155 -5.38 23.38 3.00
C ILE A 155 -6.04 23.99 1.74
N ALA A 156 -6.39 25.27 1.82
CA ALA A 156 -7.04 25.99 0.73
C ALA A 156 -6.28 25.89 -0.61
N ALA A 157 -4.92 25.89 -0.50
CA ALA A 157 -4.08 25.86 -1.70
C ALA A 157 -3.92 24.49 -2.35
N ILE A 158 -4.46 23.44 -1.75
CA ILE A 158 -4.30 22.08 -2.30
C ILE A 158 -5.41 21.77 -3.30
N ASP A 159 -5.04 21.44 -4.53
CA ASP A 159 -6.05 21.18 -5.55
C ASP A 159 -6.79 19.87 -5.33
N GLN A 160 -8.12 19.95 -5.41
CA GLN A 160 -8.99 18.76 -5.25
C GLN A 160 -9.67 18.35 -6.57
N THR A 161 -9.39 19.08 -7.65
N THR A 161 -9.36 19.06 -7.66
CA THR A 161 -10.12 18.91 -8.90
CA THR A 161 -10.15 18.93 -8.90
C THR A 161 -9.47 17.93 -9.88
C THR A 161 -9.56 18.12 -10.05
N LYS A 162 -8.23 18.23 -10.28
CA LYS A 162 -7.60 17.51 -11.39
C LYS A 162 -6.97 16.21 -10.87
N PRO A 163 -6.87 15.16 -11.73
CA PRO A 163 -6.27 13.88 -11.29
C PRO A 163 -4.84 14.06 -10.82
N VAL A 164 -4.46 13.28 -9.80
CA VAL A 164 -3.10 13.39 -9.24
C VAL A 164 -2.49 11.99 -9.12
N TRP A 165 -1.36 11.79 -9.80
CA TRP A 165 -0.67 10.48 -9.85
C TRP A 165 0.40 10.35 -8.78
N ASP A 166 0.85 11.48 -8.24
CA ASP A 166 1.99 11.49 -7.33
C ASP A 166 2.04 12.79 -6.55
N ASP A 167 2.47 12.69 -5.29
CA ASP A 167 2.58 13.84 -4.39
C ASP A 167 3.96 13.75 -3.73
N PRO A 168 5.02 14.02 -4.52
CA PRO A 168 6.40 13.66 -4.08
C PRO A 168 6.91 14.37 -2.82
N PHE A 169 6.31 15.48 -2.44
CA PHE A 169 6.76 16.22 -1.26
C PHE A 169 5.75 16.19 -0.10
N LEU A 170 4.80 15.25 -0.18
CA LEU A 170 3.78 15.07 0.85
C LEU A 170 2.99 16.35 1.15
N SER A 171 2.77 17.15 0.11
CA SER A 171 2.09 18.42 0.26
C SER A 171 0.59 18.26 0.59
N ARG A 172 0.04 17.09 0.26
CA ARG A 172 -1.38 16.84 0.50
C ARG A 172 -1.62 16.20 1.87
N TYR A 173 -0.54 16.04 2.65
CA TYR A 173 -0.61 15.47 4.00
C TYR A 173 -1.69 16.14 4.88
N LEU A 174 -1.72 17.48 4.86
CA LEU A 174 -2.70 18.21 5.67
C LEU A 174 -4.14 17.99 5.22
N LEU A 175 -4.35 17.75 3.92
CA LEU A 175 -5.70 17.56 3.40
C LEU A 175 -6.27 16.27 3.97
N TYR A 176 -5.42 15.25 4.04
CA TYR A 176 -5.77 13.98 4.64
C TYR A 176 -6.20 14.17 6.10
N HIS A 177 -5.36 14.81 6.90
CA HIS A 177 -5.68 14.98 8.30
C HIS A 177 -6.83 15.92 8.58
N TYR A 178 -6.98 16.93 7.71
CA TYR A 178 -8.14 17.80 7.72
C TYR A 178 -9.42 16.97 7.52
N SER A 179 -9.44 16.10 6.50
CA SER A 179 -10.65 15.36 6.18
C SER A 179 -11.03 14.44 7.34
N ILE A 180 -10.03 13.87 8.01
CA ILE A 180 -10.26 13.05 9.20
C ILE A 180 -10.89 13.89 10.32
N GLN A 181 -10.25 15.02 10.65
CA GLN A 181 -10.72 15.88 11.73
C GLN A 181 -12.11 16.43 11.47
N GLN A 182 -12.46 16.60 10.19
CA GLN A 182 -13.71 17.22 9.79
C GLN A 182 -14.79 16.19 9.41
N ALA A 183 -14.47 14.91 9.61
CA ALA A 183 -15.40 13.80 9.29
C ALA A 183 -15.75 13.73 7.80
N LEU A 184 -14.81 14.10 6.94
CA LEU A 184 -15.06 14.17 5.49
C LEU A 184 -14.39 13.04 4.71
N LEU A 185 -13.65 12.18 5.42
CA LEU A 185 -12.89 11.18 4.70
C LEU A 185 -13.77 10.30 3.81
N PRO A 186 -14.90 9.76 4.34
CA PRO A 186 -15.75 8.99 3.44
C PRO A 186 -16.21 9.79 2.22
N HIS A 187 -16.56 11.06 2.42
CA HIS A 187 -17.02 11.90 1.32
C HIS A 187 -15.88 12.08 0.31
N PHE A 188 -14.67 12.32 0.81
CA PHE A 188 -13.50 12.48 -0.05
C PHE A 188 -13.28 11.21 -0.87
N TYR A 189 -13.49 10.05 -0.25
CA TYR A 189 -13.32 8.75 -0.91
C TYR A 189 -14.46 8.37 -1.87
N GLY A 190 -15.59 9.06 -1.78
CA GLY A 190 -16.77 8.68 -2.58
C GLY A 190 -17.53 7.46 -2.06
N LEU A 191 -17.41 7.19 -0.76
CA LEU A 191 -18.12 6.02 -0.17
C LEU A 191 -19.63 6.30 -0.02
N PRO A 192 -20.47 5.27 -0.20
CA PRO A 192 -21.93 5.42 -0.06
C PRO A 192 -22.35 6.15 1.22
N GLU A 193 -23.23 7.14 1.10
CA GLU A 193 -23.65 7.90 2.26
C GLU A 193 -24.44 7.05 3.24
N ASN A 194 -24.99 5.93 2.78
CA ASN A 194 -25.80 5.09 3.65
C ASN A 194 -24.95 4.16 4.54
N GLY A 195 -23.62 4.23 4.41
CA GLY A 195 -22.70 3.48 5.26
C GLY A 195 -22.55 2.01 4.90
N ASP A 196 -23.28 1.55 3.88
CA ASP A 196 -23.09 0.21 3.38
C ASP A 196 -21.88 0.21 2.44
N TRP A 197 -20.72 -0.16 3.00
CA TRP A 197 -19.47 -0.15 2.23
C TRP A 197 -19.00 -1.56 1.91
N SER A 198 -19.98 -2.47 1.82
CA SER A 198 -19.66 -3.86 1.58
C SER A 198 -18.90 -4.04 0.27
N ALA A 199 -19.14 -3.20 -0.74
CA ALA A 199 -18.41 -3.37 -2.02
C ALA A 199 -16.91 -3.13 -1.86
N TYR A 200 -16.54 -2.43 -0.78
CA TYR A 200 -15.16 -2.03 -0.54
C TYR A 200 -14.45 -2.97 0.42
N ALA A 201 -15.17 -4.00 0.87
CA ALA A 201 -14.65 -4.97 1.84
C ALA A 201 -14.30 -6.30 1.21
N LEU A 202 -13.20 -6.90 1.65
CA LEU A 202 -12.84 -8.25 1.24
C LEU A 202 -13.33 -9.23 2.28
N SER A 203 -14.07 -10.24 1.82
CA SER A 203 -14.56 -11.29 2.71
C SER A 203 -13.46 -12.26 3.10
N ASP A 204 -13.67 -12.96 4.20
CA ASP A 204 -12.79 -14.05 4.58
C ASP A 204 -12.70 -15.08 3.46
N GLU A 205 -13.85 -15.41 2.87
N GLU A 205 -13.82 -15.40 2.83
CA GLU A 205 -13.92 -16.30 1.72
CA GLU A 205 -13.82 -16.39 1.75
C GLU A 205 -12.86 -15.90 0.70
C GLU A 205 -12.92 -15.94 0.58
N THR A 206 -12.94 -14.65 0.27
CA THR A 206 -12.00 -14.09 -0.71
C THR A 206 -10.54 -14.23 -0.24
N LEU A 207 -10.25 -13.81 1.01
CA LEU A 207 -8.89 -13.85 1.53
C LEU A 207 -8.35 -15.28 1.51
N LYS A 208 -9.23 -16.26 1.76
CA LYS A 208 -8.83 -17.69 1.76
C LYS A 208 -8.29 -18.18 0.41
N THR A 209 -8.62 -17.48 -0.66
CA THR A 209 -8.12 -17.79 -2.01
C THR A 209 -6.79 -17.10 -2.37
N PHE A 210 -6.27 -16.25 -1.48
CA PHE A 210 -5.12 -15.41 -1.80
C PHE A 210 -3.79 -16.20 -1.64
N PRO A 211 -2.74 -15.71 -2.32
CA PRO A 211 -1.41 -16.31 -2.17
C PRO A 211 -0.74 -15.91 -0.83
N PRO A 212 0.37 -16.59 -0.44
CA PRO A 212 0.97 -16.37 0.89
C PRO A 212 1.35 -14.93 1.15
N CYS A 213 1.07 -14.52 2.37
CA CYS A 213 1.29 -13.15 2.75
C CYS A 213 2.16 -13.05 4.03
N PHE A 214 3.11 -12.12 4.01
CA PHE A 214 3.82 -11.70 5.23
C PHE A 214 3.21 -10.40 5.70
N SER A 215 2.65 -10.42 6.91
CA SER A 215 1.81 -9.32 7.39
C SER A 215 2.34 -8.81 8.73
N THR A 216 2.41 -7.50 8.91
CA THR A 216 2.98 -6.92 10.14
C THR A 216 2.31 -5.58 10.46
N ALA A 217 2.20 -5.29 11.76
CA ALA A 217 1.60 -4.04 12.24
C ALA A 217 1.93 -3.91 13.70
N SER A 218 1.88 -2.66 14.17
CA SER A 218 2.14 -2.36 15.56
C SER A 218 0.90 -2.48 16.41
N SER A 219 1.04 -3.13 17.57
CA SER A 219 -0.05 -3.21 18.57
C SER A 219 -0.59 -1.84 18.98
N SER A 220 0.29 -0.85 18.91
CA SER A 220 -0.02 0.53 19.31
C SER A 220 -0.51 1.42 18.17
N ASP A 221 -0.75 0.81 17.01
CA ASP A 221 -1.29 1.53 15.87
C ASP A 221 -2.63 2.19 16.20
N GLU A 222 -2.65 3.52 16.14
CA GLU A 222 -3.87 4.32 16.40
C GLU A 222 -4.62 4.71 15.13
N GLU A 223 -4.03 4.44 13.96
N GLU A 223 -4.00 4.51 13.96
CA GLU A 223 -4.60 4.84 12.67
CA GLU A 223 -4.65 4.85 12.67
C GLU A 223 -5.37 3.71 11.95
C GLU A 223 -5.47 3.68 12.10
N VAL A 224 -4.88 2.48 12.09
CA VAL A 224 -5.55 1.28 11.59
C VAL A 224 -5.49 0.22 12.69
N PRO A 225 -6.66 -0.32 13.12
CA PRO A 225 -6.63 -1.35 14.17
C PRO A 225 -5.79 -2.54 13.70
N PHE A 226 -4.82 -2.98 14.51
CA PHE A 226 -3.92 -4.04 14.02
C PHE A 226 -4.57 -5.41 13.88
N ARG A 227 -5.83 -5.53 14.33
CA ARG A 227 -6.59 -6.75 14.01
C ARG A 227 -6.63 -6.98 12.49
N TYR A 228 -6.56 -5.91 11.70
CA TYR A 228 -6.60 -6.14 10.24
C TYR A 228 -5.39 -6.95 9.77
N SER A 229 -4.21 -6.54 10.24
CA SER A 229 -3.02 -7.27 9.83
C SER A 229 -2.98 -8.67 10.42
N LYS A 230 -3.56 -8.86 11.60
CA LYS A 230 -3.71 -10.26 12.12
C LYS A 230 -4.54 -11.10 11.15
N LYS A 231 -5.71 -10.57 10.75
CA LYS A 231 -6.58 -11.28 9.82
C LYS A 231 -5.82 -11.56 8.52
N ILE A 232 -5.13 -10.55 8.01
CA ILE A 232 -4.41 -10.69 6.74
C ILE A 232 -3.35 -11.78 6.83
N GLY A 233 -2.62 -11.87 7.93
CA GLY A 233 -1.57 -12.87 8.03
C GLY A 233 -2.02 -14.24 8.50
N ARG A 234 -3.30 -14.34 8.90
CA ARG A 234 -3.81 -15.59 9.51
C ARG A 234 -4.94 -16.22 8.67
N THR A 235 -5.72 -15.38 8.01
CA THR A 235 -6.85 -15.90 7.22
C THR A 235 -6.39 -16.29 5.84
N ILE A 236 -5.46 -15.52 5.28
CA ILE A 236 -4.82 -15.96 4.03
C ILE A 236 -4.01 -17.23 4.37
N PRO A 237 -4.18 -18.32 3.61
CA PRO A 237 -3.42 -19.55 3.98
C PRO A 237 -1.89 -19.42 3.88
N GLU A 238 -1.17 -20.26 4.64
CA GLU A 238 0.31 -20.32 4.51
C GLU A 238 0.98 -18.95 4.73
N SER A 239 0.35 -18.13 5.56
CA SER A 239 0.79 -16.76 5.81
C SER A 239 1.34 -16.58 7.21
N THR A 240 2.01 -15.45 7.40
CA THR A 240 2.70 -15.14 8.65
C THR A 240 2.26 -13.76 9.12
N PHE A 241 1.98 -13.63 10.43
CA PHE A 241 1.75 -12.32 11.04
C PHE A 241 2.83 -12.09 12.09
N LYS A 242 3.53 -10.96 11.98
CA LYS A 242 4.54 -10.57 12.94
C LYS A 242 4.16 -9.25 13.54
N ALA A 243 3.87 -9.22 14.83
CA ALA A 243 3.56 -7.95 15.49
C ALA A 243 4.86 -7.20 15.77
N VAL A 244 4.77 -5.88 15.80
CA VAL A 244 5.76 -5.09 16.53
C VAL A 244 4.98 -4.37 17.63
N TYR A 245 5.69 -3.94 18.67
CA TYR A 245 5.02 -3.44 19.84
C TYR A 245 5.44 -1.98 20.09
N TYR A 246 4.49 -1.18 20.56
CA TYR A 246 4.81 0.14 21.11
C TYR A 246 5.27 1.19 20.08
N LEU A 247 5.08 0.92 18.78
CA LEU A 247 5.44 1.87 17.73
C LEU A 247 4.22 2.51 17.10
N GLU A 248 4.43 3.70 16.53
CA GLU A 248 3.40 4.40 15.76
C GLU A 248 3.07 3.63 14.49
N HIS A 249 1.84 3.83 14.01
CA HIS A 249 1.36 3.27 12.74
C HIS A 249 2.43 3.06 11.66
N ASP A 250 3.05 4.16 11.21
CA ASP A 250 3.82 4.09 9.96
C ASP A 250 5.25 3.77 10.23
N PHE A 251 5.51 2.59 10.79
CA PHE A 251 6.88 2.38 11.31
C PHE A 251 7.97 2.17 10.24
N LEU A 252 7.57 2.09 8.95
CA LEU A 252 8.58 2.14 7.86
C LEU A 252 9.33 3.50 7.81
N LYS A 253 8.82 4.51 8.50
N LYS A 253 8.81 4.50 8.50
CA LYS A 253 9.54 5.79 8.65
CA LYS A 253 9.51 5.79 8.64
C LYS A 253 10.77 5.66 9.56
C LYS A 253 10.68 5.71 9.63
N GLN A 254 10.78 4.59 10.36
CA GLN A 254 11.86 4.38 11.36
C GLN A 254 12.60 3.07 11.18
N THR A 255 13.23 2.92 10.02
CA THR A 255 13.88 1.65 9.67
C THR A 255 15.10 1.31 10.53
N LYS A 256 15.58 2.30 11.28
CA LYS A 256 16.73 2.13 12.15
C LYS A 256 16.36 1.73 13.58
N ASP A 257 15.06 1.69 13.88
CA ASP A 257 14.59 1.24 15.17
C ASP A 257 14.85 -0.26 15.33
N PRO A 258 15.35 -0.69 16.50
CA PRO A 258 15.73 -2.10 16.69
C PRO A 258 14.60 -3.08 16.39
N SER A 259 13.36 -2.71 16.73
CA SER A 259 12.20 -3.55 16.46
C SER A 259 11.99 -3.71 14.98
N VAL A 260 12.20 -2.61 14.23
CA VAL A 260 11.99 -2.66 12.77
C VAL A 260 13.14 -3.44 12.11
N ILE A 261 14.35 -3.29 12.66
CA ILE A 261 15.49 -4.07 12.16
C ILE A 261 15.21 -5.56 12.33
N THR A 262 14.70 -5.96 13.49
CA THR A 262 14.34 -7.36 13.72
C THR A 262 13.25 -7.86 12.77
N LEU A 263 12.22 -7.05 12.61
CA LEU A 263 11.15 -7.37 11.68
C LEU A 263 11.72 -7.54 10.25
N PHE A 264 12.65 -6.67 9.83
CA PHE A 264 13.22 -6.84 8.48
C PHE A 264 14.00 -8.16 8.34
N GLU A 265 14.64 -8.60 9.40
CA GLU A 265 15.32 -9.92 9.39
C GLU A 265 14.28 -11.03 9.18
N GLN A 266 13.14 -10.91 9.85
CA GLN A 266 12.02 -11.87 9.71
C GLN A 266 11.48 -11.89 8.28
N LEU A 267 11.29 -10.71 7.73
CA LEU A 267 10.81 -10.56 6.35
C LEU A 267 11.85 -11.15 5.38
N ASP A 268 13.13 -10.87 5.63
CA ASP A 268 14.18 -11.38 4.75
C ASP A 268 14.17 -12.90 4.75
N SER A 269 14.10 -13.50 5.93
N SER A 269 14.09 -13.49 5.93
CA SER A 269 14.06 -14.96 6.05
CA SER A 269 14.03 -14.94 6.10
C SER A 269 12.84 -15.52 5.32
C SER A 269 12.84 -15.51 5.33
N TRP A 270 11.68 -14.88 5.50
CA TRP A 270 10.42 -15.33 4.85
C TRP A 270 10.53 -15.21 3.33
N LEU A 271 11.13 -14.11 2.84
N LEU A 271 11.15 -14.12 2.86
CA LEU A 271 11.31 -13.93 1.38
CA LEU A 271 11.32 -13.89 1.42
C LEU A 271 12.20 -15.02 0.81
C LEU A 271 12.25 -14.94 0.79
N LYS A 272 13.23 -15.40 1.55
CA LYS A 272 14.12 -16.49 1.12
C LYS A 272 13.42 -17.87 1.01
N GLU A 273 12.24 -18.01 1.61
CA GLU A 273 11.44 -19.24 1.49
C GLU A 273 10.39 -19.21 0.37
N ARG A 274 10.30 -18.10 -0.37
CA ARG A 274 9.39 -18.09 -1.54
C ARG A 274 9.75 -19.11 -2.59
#